data_1IST
#
_entry.id   1IST
#
_cell.length_a   44.950
_cell.length_b   53.110
_cell.length_c   32.018
_cell.angle_alpha   84.91
_cell.angle_beta   95.22
_cell.angle_gamma   108.56
#
_symmetry.space_group_name_H-M   'P 1'
#
loop_
_entity.id
_entity.type
_entity.pdbx_description
1 polymer 'Cyclophilin A'
2 water water
#
_entity_poly.entity_id   1
_entity_poly.type   'polypeptide(L)'
_entity_poly.pdbx_seq_one_letter_code
;MSQVYFDVEADGQPIGRVVFKLYNDIVPKTAENFRALCTGEKGFGYAGSPFHRVIPDFMLQGGDFTAGNGTGGKSIYGGK
FPDENFKKHHDRPGLLSMANAGPNTNGSQFFITTVPCPWLDGKHVVFGEVVDGYDIVKKVESLGSPSGATKARIVVAKSG
EL
;
_entity_poly.pdbx_strand_id   A,B
#
# COMPACT_ATOMS: atom_id res chain seq x y z
N SER A 2 -3.64 -11.79 -14.47
CA SER A 2 -5.05 -12.05 -14.18
C SER A 2 -5.57 -11.29 -13.02
N GLN A 3 -6.77 -10.82 -13.17
CA GLN A 3 -7.46 -10.27 -12.01
C GLN A 3 -8.66 -11.13 -11.64
N VAL A 4 -8.73 -11.50 -10.39
CA VAL A 4 -9.80 -12.34 -9.85
C VAL A 4 -10.45 -11.56 -8.74
N TYR A 5 -11.67 -12.01 -8.35
CA TYR A 5 -12.37 -11.38 -7.25
C TYR A 5 -13.09 -12.31 -6.32
N PHE A 6 -13.27 -11.75 -5.12
CA PHE A 6 -14.09 -12.28 -4.04
C PHE A 6 -15.27 -11.38 -3.65
N ASP A 7 -16.49 -11.93 -3.60
CA ASP A 7 -17.65 -11.32 -2.92
C ASP A 7 -17.71 -11.93 -1.50
N VAL A 8 -17.49 -11.10 -0.49
CA VAL A 8 -17.39 -11.49 0.91
C VAL A 8 -18.69 -11.14 1.65
N GLU A 9 -19.07 -11.97 2.61
CA GLU A 9 -20.28 -11.79 3.42
C GLU A 9 -19.98 -12.16 4.83
N ALA A 10 -20.55 -11.44 5.81
CA ALA A 10 -20.39 -11.75 7.24
C ALA A 10 -21.79 -12.13 7.74
N ASP A 11 -21.89 -13.34 8.29
CA ASP A 11 -23.18 -13.92 8.63
C ASP A 11 -24.38 -13.68 7.70
N GLY A 12 -24.22 -14.09 6.46
CA GLY A 12 -25.23 -13.90 5.45
C GLY A 12 -25.32 -12.49 4.86
N GLN A 13 -24.74 -11.47 5.49
CA GLN A 13 -24.82 -10.09 5.05
C GLN A 13 -23.71 -9.68 4.10
N PRO A 14 -23.98 -9.08 2.94
CA PRO A 14 -22.91 -8.60 2.06
C PRO A 14 -22.01 -7.42 2.48
N ILE A 15 -20.67 -7.60 2.43
CA ILE A 15 -19.67 -6.57 2.75
C ILE A 15 -19.14 -5.80 1.53
N GLY A 16 -18.82 -6.56 0.49
CA GLY A 16 -18.18 -5.96 -0.67
C GLY A 16 -17.28 -6.95 -1.42
N ARG A 17 -16.86 -6.46 -2.58
CA ARG A 17 -15.98 -7.17 -3.48
C ARG A 17 -14.50 -6.76 -3.40
N VAL A 18 -13.68 -7.75 -3.19
CA VAL A 18 -12.23 -7.57 -3.19
C VAL A 18 -11.67 -8.05 -4.54
N VAL A 19 -10.85 -7.22 -5.17
CA VAL A 19 -10.22 -7.54 -6.45
C VAL A 19 -8.72 -7.62 -6.28
N PHE A 20 -8.20 -8.69 -6.85
CA PHE A 20 -6.78 -9.06 -6.82
C PHE A 20 -6.14 -9.20 -8.20
N LYS A 21 -4.91 -8.73 -8.34
CA LYS A 21 -4.11 -9.03 -9.49
C LYS A 21 -3.14 -10.15 -9.07
N LEU A 22 -3.04 -11.17 -9.96
CA LEU A 22 -2.13 -12.29 -9.82
C LEU A 22 -0.87 -12.08 -10.66
N TYR A 23 0.27 -12.42 -10.07
CA TYR A 23 1.59 -12.32 -10.71
C TYR A 23 1.84 -13.50 -11.66
N ASN A 24 1.03 -13.58 -12.71
CA ASN A 24 1.06 -14.73 -13.61
C ASN A 24 2.36 -14.89 -14.49
N ASP A 25 3.16 -13.82 -14.55
CA ASP A 25 4.45 -13.81 -15.25
C ASP A 25 5.65 -13.94 -14.28
N ILE A 26 5.45 -14.25 -13.00
CA ILE A 26 6.55 -14.43 -12.02
C ILE A 26 6.38 -15.83 -11.37
N VAL A 27 5.12 -16.15 -11.07
CA VAL A 27 4.75 -17.41 -10.44
C VAL A 27 3.52 -17.99 -11.15
N PRO A 28 3.73 -18.48 -12.41
CA PRO A 28 2.64 -18.92 -13.32
C PRO A 28 1.88 -20.11 -12.76
N LYS A 29 2.52 -21.08 -12.15
CA LYS A 29 1.83 -22.23 -11.60
C LYS A 29 1.01 -21.94 -10.32
N THR A 30 1.53 -21.05 -9.45
CA THR A 30 0.85 -20.61 -8.20
C THR A 30 -0.34 -19.71 -8.54
N ALA A 31 -0.16 -18.73 -9.45
CA ALA A 31 -1.22 -17.87 -9.94
C ALA A 31 -2.32 -18.65 -10.66
N GLU A 32 -1.97 -19.70 -11.40
CA GLU A 32 -2.95 -20.53 -12.06
C GLU A 32 -3.82 -21.37 -11.11
N ASN A 33 -3.22 -21.97 -10.09
CA ASN A 33 -3.97 -22.63 -9.01
C ASN A 33 -5.07 -21.75 -8.42
N PHE A 34 -4.64 -20.57 -8.00
CA PHE A 34 -5.55 -19.59 -7.46
C PHE A 34 -6.64 -19.13 -8.44
N ARG A 35 -6.25 -18.92 -9.72
CA ARG A 35 -7.22 -18.42 -10.70
C ARG A 35 -8.37 -19.45 -10.93
N ALA A 36 -7.90 -20.68 -11.21
CA ALA A 36 -8.79 -21.82 -11.42
C ALA A 36 -9.69 -22.11 -10.19
N LEU A 37 -9.15 -21.94 -8.96
CA LEU A 37 -9.96 -22.11 -7.76
C LEU A 37 -11.00 -20.98 -7.55
N CYS A 38 -10.68 -19.78 -8.04
CA CYS A 38 -11.64 -18.65 -8.04
C CYS A 38 -12.82 -18.91 -9.00
N THR A 39 -12.51 -19.40 -10.19
CA THR A 39 -13.57 -19.61 -11.17
C THR A 39 -14.38 -20.89 -10.91
N GLY A 40 -13.81 -21.85 -10.23
CA GLY A 40 -14.48 -23.11 -9.95
C GLY A 40 -14.66 -23.97 -11.21
N GLU A 41 -13.99 -23.68 -12.32
CA GLU A 41 -14.05 -24.39 -13.60
C GLU A 41 -13.62 -25.87 -13.48
N LYS A 42 -12.86 -26.26 -12.46
CA LYS A 42 -12.55 -27.67 -12.18
C LYS A 42 -13.65 -28.43 -11.46
N GLY A 43 -14.78 -27.78 -11.19
CA GLY A 43 -15.90 -28.37 -10.43
C GLY A 43 -15.72 -28.17 -8.94
N PHE A 44 -14.58 -27.56 -8.48
CA PHE A 44 -14.32 -27.21 -7.09
C PHE A 44 -13.51 -25.92 -7.00
N GLY A 45 -13.56 -25.28 -5.83
CA GLY A 45 -12.93 -23.99 -5.66
C GLY A 45 -13.38 -23.19 -4.44
N TYR A 46 -13.07 -21.87 -4.36
CA TYR A 46 -13.33 -21.05 -3.16
C TYR A 46 -14.73 -20.57 -2.88
N ALA A 47 -15.65 -20.58 -3.83
CA ALA A 47 -17.03 -20.15 -3.49
C ALA A 47 -17.61 -20.99 -2.37
N GLY A 48 -18.08 -20.32 -1.34
CA GLY A 48 -18.70 -20.94 -0.18
C GLY A 48 -17.67 -21.18 0.91
N SER A 49 -16.39 -20.94 0.65
CA SER A 49 -15.41 -21.23 1.68
C SER A 49 -15.15 -20.07 2.65
N PRO A 50 -14.84 -20.38 3.93
CA PRO A 50 -14.71 -19.42 4.99
C PRO A 50 -13.33 -18.77 5.08
N PHE A 51 -13.27 -17.61 5.74
CA PHE A 51 -12.00 -17.04 6.20
C PHE A 51 -11.88 -17.62 7.61
N HIS A 52 -11.18 -18.73 7.79
CA HIS A 52 -11.21 -19.40 9.11
C HIS A 52 -10.29 -18.82 10.14
N ARG A 53 -9.37 -17.94 9.77
CA ARG A 53 -8.47 -17.35 10.71
C ARG A 53 -7.96 -16.00 10.27
N VAL A 54 -8.42 -15.00 11.00
CA VAL A 54 -8.30 -13.51 10.99
C VAL A 54 -7.61 -12.99 12.28
N ILE A 55 -6.42 -12.52 12.09
CA ILE A 55 -5.58 -11.95 13.15
C ILE A 55 -5.40 -10.48 12.83
N PRO A 56 -6.00 -9.54 13.58
CA PRO A 56 -5.92 -8.08 13.38
C PRO A 56 -4.47 -7.66 13.50
N ASP A 57 -4.12 -6.74 12.64
CA ASP A 57 -2.76 -6.25 12.43
C ASP A 57 -1.76 -7.31 12.03
N PHE A 58 -2.23 -8.37 11.37
CA PHE A 58 -1.37 -9.40 10.84
C PHE A 58 -1.91 -9.90 9.48
N MET A 59 -2.96 -10.71 9.43
CA MET A 59 -3.48 -11.24 8.16
C MET A 59 -4.85 -11.94 8.33
N LEU A 60 -5.44 -12.24 7.13
CA LEU A 60 -6.70 -12.95 6.91
C LEU A 60 -6.39 -14.26 6.22
N GLN A 61 -6.65 -15.41 6.81
CA GLN A 61 -6.36 -16.71 6.21
C GLN A 61 -7.64 -17.46 5.79
N GLY A 62 -7.64 -18.01 4.56
CA GLY A 62 -8.81 -18.64 4.01
C GLY A 62 -8.39 -19.74 3.08
N GLY A 63 -9.25 -20.16 2.17
CA GLY A 63 -8.98 -21.14 1.13
C GLY A 63 -9.22 -22.58 1.49
N ASP A 64 -9.70 -22.92 2.66
CA ASP A 64 -9.98 -24.31 2.95
C ASP A 64 -11.40 -24.61 2.51
N PHE A 65 -11.54 -25.02 1.25
CA PHE A 65 -12.86 -25.39 0.72
C PHE A 65 -13.25 -26.85 0.92
N THR A 66 -12.52 -27.72 1.60
CA THR A 66 -12.98 -29.08 1.91
C THR A 66 -13.60 -29.19 3.36
N ALA A 67 -12.87 -28.68 4.37
CA ALA A 67 -13.26 -28.78 5.77
C ALA A 67 -13.51 -27.50 6.49
N GLY A 68 -13.10 -26.38 5.91
CA GLY A 68 -13.44 -25.09 6.53
C GLY A 68 -12.77 -24.66 7.84
N ASN A 69 -11.81 -25.39 8.37
CA ASN A 69 -11.19 -25.03 9.63
C ASN A 69 -9.64 -24.93 9.56
N GLY A 70 -9.02 -25.12 8.40
CA GLY A 70 -7.59 -25.05 8.31
C GLY A 70 -6.93 -26.38 8.08
N THR A 71 -7.64 -27.48 8.14
CA THR A 71 -6.98 -28.78 7.93
C THR A 71 -7.07 -29.28 6.48
N GLY A 72 -7.88 -28.66 5.59
CA GLY A 72 -8.02 -29.16 4.25
C GLY A 72 -7.62 -28.27 3.07
N GLY A 73 -8.37 -28.53 2.01
CA GLY A 73 -8.15 -27.91 0.72
C GLY A 73 -7.08 -28.65 -0.08
N LYS A 74 -7.12 -28.53 -1.40
CA LYS A 74 -6.18 -29.14 -2.31
C LYS A 74 -6.03 -28.24 -3.55
N SER A 75 -4.87 -28.34 -4.18
CA SER A 75 -4.61 -27.56 -5.39
C SER A 75 -5.19 -28.20 -6.64
N ILE A 76 -5.05 -27.55 -7.78
CA ILE A 76 -5.55 -28.11 -9.04
C ILE A 76 -4.65 -29.16 -9.71
N TYR A 77 -3.51 -29.39 -9.11
CA TYR A 77 -2.51 -30.30 -9.61
C TYR A 77 -2.63 -31.64 -8.91
N GLY A 78 -3.70 -31.88 -8.17
CA GLY A 78 -3.78 -33.08 -7.39
C GLY A 78 -3.67 -32.73 -5.92
N GLY A 79 -2.53 -33.01 -5.32
CA GLY A 79 -2.36 -32.69 -3.90
C GLY A 79 -1.54 -31.41 -3.70
N LYS A 80 -0.58 -31.44 -2.81
CA LYS A 80 0.27 -30.28 -2.61
C LYS A 80 1.33 -30.07 -3.71
N PHE A 81 1.76 -28.85 -4.00
CA PHE A 81 2.82 -28.66 -4.96
C PHE A 81 4.04 -27.87 -4.44
N PRO A 82 5.21 -27.96 -5.09
CA PRO A 82 6.44 -27.29 -4.70
C PRO A 82 6.43 -25.76 -4.62
N ASP A 83 7.30 -25.17 -3.80
CA ASP A 83 7.41 -23.72 -3.79
C ASP A 83 8.10 -23.27 -5.09
N GLU A 84 7.36 -22.42 -5.80
CA GLU A 84 7.74 -22.07 -7.15
C GLU A 84 8.94 -21.17 -7.16
N ASN A 85 8.87 -20.08 -6.44
CA ASN A 85 10.06 -19.29 -6.19
C ASN A 85 9.72 -18.28 -5.11
N PHE A 86 10.71 -17.50 -4.73
CA PHE A 86 10.50 -16.53 -3.69
C PHE A 86 10.95 -15.14 -4.13
N LYS A 87 10.74 -14.81 -5.39
CA LYS A 87 11.16 -13.50 -5.89
C LYS A 87 10.47 -12.24 -5.35
N LYS A 88 9.19 -12.33 -5.02
CA LYS A 88 8.42 -11.29 -4.38
C LYS A 88 8.46 -11.40 -2.87
N HIS A 89 8.58 -10.27 -2.21
CA HIS A 89 8.62 -10.21 -0.75
C HIS A 89 7.37 -9.74 -0.05
N HIS A 90 7.17 -10.03 1.20
CA HIS A 90 6.05 -9.50 1.98
C HIS A 90 6.42 -8.07 2.49
N ASP A 91 6.56 -7.13 1.57
CA ASP A 91 7.04 -5.81 1.93
C ASP A 91 6.00 -4.73 2.09
N ARG A 92 4.74 -5.07 1.83
CA ARG A 92 3.66 -4.11 2.00
C ARG A 92 2.36 -4.77 2.41
N PRO A 93 1.37 -4.09 2.99
CA PRO A 93 0.04 -4.66 3.21
C PRO A 93 -0.60 -4.99 1.88
N GLY A 94 -1.62 -5.82 1.98
CA GLY A 94 -2.43 -6.12 0.79
C GLY A 94 -1.87 -7.12 -0.20
N LEU A 95 -1.02 -8.02 0.29
CA LEU A 95 -0.46 -9.09 -0.51
C LEU A 95 -1.11 -10.48 -0.25
N LEU A 96 -1.20 -11.24 -1.35
CA LEU A 96 -1.59 -12.65 -1.34
C LEU A 96 -0.37 -13.54 -1.34
N SER A 97 -0.41 -14.43 -0.35
CA SER A 97 0.71 -15.35 -0.18
C SER A 97 0.16 -16.70 0.22
N MET A 98 0.82 -17.76 -0.16
CA MET A 98 0.38 -19.12 0.10
C MET A 98 0.61 -19.59 1.52
N ALA A 99 -0.46 -20.11 2.12
CA ALA A 99 -0.30 -20.83 3.39
C ALA A 99 0.35 -22.20 3.12
N ASN A 100 1.10 -22.75 4.06
CA ASN A 100 1.64 -24.08 3.83
C ASN A 100 2.00 -24.73 5.16
N ALA A 101 2.44 -25.99 5.10
CA ALA A 101 2.86 -26.73 6.28
C ALA A 101 4.38 -27.00 6.26
N GLY A 102 5.15 -25.97 5.87
CA GLY A 102 6.59 -26.11 5.70
C GLY A 102 6.92 -26.15 4.21
N PRO A 103 8.17 -26.37 3.79
CA PRO A 103 8.58 -26.39 2.40
C PRO A 103 7.83 -27.36 1.47
N ASN A 104 7.43 -26.89 0.30
CA ASN A 104 6.75 -27.57 -0.77
C ASN A 104 5.45 -28.25 -0.40
N THR A 105 4.54 -27.55 0.25
CA THR A 105 3.30 -28.14 0.66
C THR A 105 2.20 -27.15 0.33
N ASN A 106 2.26 -26.57 -0.88
CA ASN A 106 1.20 -25.64 -1.27
C ASN A 106 -0.11 -26.37 -1.66
N GLY A 107 -1.30 -26.00 -1.17
CA GLY A 107 -2.52 -26.61 -1.65
C GLY A 107 -3.46 -25.55 -2.19
N SER A 108 -4.45 -25.16 -1.38
CA SER A 108 -5.42 -24.11 -1.71
C SER A 108 -5.47 -22.98 -0.69
N GLN A 109 -5.02 -23.19 0.53
CA GLN A 109 -5.05 -22.11 1.51
C GLN A 109 -4.16 -20.93 1.21
N PHE A 110 -4.65 -19.74 1.56
CA PHE A 110 -3.88 -18.54 1.30
C PHE A 110 -4.06 -17.55 2.45
N PHE A 111 -3.21 -16.54 2.55
CA PHE A 111 -3.55 -15.41 3.38
C PHE A 111 -3.36 -14.06 2.69
N ILE A 112 -4.04 -13.05 3.24
CA ILE A 112 -3.95 -11.66 2.80
C ILE A 112 -3.30 -10.87 3.93
N THR A 113 -2.13 -10.30 3.66
CA THR A 113 -1.47 -9.49 4.68
C THR A 113 -2.12 -8.11 4.85
N THR A 114 -2.05 -7.61 6.09
CA THR A 114 -2.51 -6.28 6.44
C THR A 114 -1.36 -5.46 7.01
N VAL A 115 -0.14 -6.00 6.98
CA VAL A 115 1.08 -5.30 7.41
C VAL A 115 2.26 -5.92 6.67
N PRO A 116 3.43 -5.25 6.53
CA PRO A 116 4.64 -5.85 6.01
C PRO A 116 5.00 -7.06 6.85
N CYS A 117 5.41 -8.16 6.23
CA CYS A 117 5.77 -9.33 7.01
C CYS A 117 7.14 -9.85 6.58
N PRO A 118 8.25 -9.10 6.66
CA PRO A 118 9.56 -9.58 6.21
C PRO A 118 9.96 -10.93 6.79
N TRP A 119 9.56 -11.31 8.02
CA TRP A 119 9.91 -12.62 8.56
C TRP A 119 9.30 -13.82 7.81
N LEU A 120 8.34 -13.55 6.91
CA LEU A 120 7.78 -14.63 6.08
C LEU A 120 8.45 -14.80 4.72
N ASP A 121 9.31 -13.84 4.31
CA ASP A 121 10.13 -13.94 3.09
C ASP A 121 10.95 -15.19 2.97
N GLY A 122 10.78 -15.93 1.90
CA GLY A 122 11.51 -17.14 1.67
C GLY A 122 10.88 -18.35 2.34
N LYS A 123 9.72 -18.19 2.93
CA LYS A 123 8.98 -19.25 3.62
C LYS A 123 7.61 -19.44 2.96
N HIS A 124 7.05 -18.33 2.55
CA HIS A 124 5.75 -18.34 1.89
C HIS A 124 5.83 -17.70 0.50
N VAL A 125 5.26 -18.36 -0.53
CA VAL A 125 5.25 -17.79 -1.86
C VAL A 125 4.25 -16.65 -2.09
N VAL A 126 4.71 -15.45 -2.29
CA VAL A 126 3.88 -14.32 -2.67
C VAL A 126 3.38 -14.36 -4.13
N PHE A 127 2.07 -14.32 -4.43
CA PHE A 127 1.65 -14.47 -5.81
C PHE A 127 0.69 -13.44 -6.32
N GLY A 128 0.26 -12.50 -5.49
CA GLY A 128 -0.68 -11.43 -5.87
C GLY A 128 -0.78 -10.27 -4.85
N GLU A 129 -1.57 -9.25 -5.19
CA GLU A 129 -1.99 -8.13 -4.27
C GLU A 129 -3.43 -7.64 -4.50
N VAL A 130 -3.98 -6.95 -3.51
CA VAL A 130 -5.28 -6.32 -3.61
C VAL A 130 -5.18 -5.08 -4.52
N VAL A 131 -6.01 -4.93 -5.55
CA VAL A 131 -6.05 -3.70 -6.37
C VAL A 131 -7.35 -2.91 -6.16
N ASP A 132 -8.34 -3.51 -5.51
CA ASP A 132 -9.59 -2.83 -5.23
C ASP A 132 -10.32 -3.50 -4.06
N GLY A 133 -10.94 -2.71 -3.21
CA GLY A 133 -11.60 -3.21 -2.01
C GLY A 133 -10.73 -3.44 -0.77
N TYR A 134 -9.64 -2.70 -0.58
CA TYR A 134 -8.79 -2.92 0.59
C TYR A 134 -9.55 -2.61 1.87
N ASP A 135 -10.52 -1.68 1.71
CA ASP A 135 -11.45 -1.36 2.80
C ASP A 135 -12.36 -2.52 3.24
N ILE A 136 -12.76 -3.44 2.34
CA ILE A 136 -13.47 -4.68 2.76
C ILE A 136 -12.50 -5.63 3.49
N VAL A 137 -11.22 -5.65 3.09
CA VAL A 137 -10.21 -6.41 3.85
C VAL A 137 -10.14 -5.88 5.30
N LYS A 138 -10.16 -4.55 5.45
CA LYS A 138 -10.19 -3.87 6.74
C LYS A 138 -11.42 -4.22 7.61
N LYS A 139 -12.61 -4.17 7.02
CA LYS A 139 -13.87 -4.66 7.69
C LYS A 139 -13.77 -6.10 8.15
N VAL A 140 -13.24 -7.01 7.30
CA VAL A 140 -13.05 -8.42 7.67
C VAL A 140 -12.03 -8.54 8.79
N GLU A 141 -10.93 -7.79 8.70
CA GLU A 141 -9.89 -7.81 9.70
C GLU A 141 -10.38 -7.43 11.11
N SER A 142 -11.25 -6.42 11.13
CA SER A 142 -11.82 -5.98 12.40
C SER A 142 -12.84 -6.95 13.00
N LEU A 143 -13.11 -8.04 12.28
CA LEU A 143 -14.00 -9.09 12.75
C LEU A 143 -13.24 -10.27 13.34
N GLY A 144 -11.92 -10.16 13.40
CA GLY A 144 -11.13 -11.25 13.90
C GLY A 144 -10.77 -11.09 15.35
N SER A 145 -9.72 -11.70 15.83
CA SER A 145 -9.33 -11.61 17.24
C SER A 145 -7.89 -12.09 17.46
N PRO A 146 -7.12 -11.90 18.54
CA PRO A 146 -5.72 -12.37 18.66
C PRO A 146 -5.39 -13.84 18.35
N SER A 147 -6.36 -14.63 18.74
CA SER A 147 -6.40 -16.07 18.52
C SER A 147 -6.78 -16.57 17.10
N GLY A 148 -7.21 -15.67 16.21
CA GLY A 148 -7.62 -16.06 14.86
C GLY A 148 -9.10 -16.39 14.75
N ALA A 149 -9.77 -16.62 15.89
CA ALA A 149 -11.20 -16.86 15.90
C ALA A 149 -12.03 -15.68 15.44
N THR A 150 -13.04 -16.01 14.66
CA THR A 150 -13.88 -14.97 14.07
C THR A 150 -15.17 -14.68 14.83
N LYS A 151 -15.51 -13.40 14.88
CA LYS A 151 -16.72 -12.95 15.57
C LYS A 151 -18.02 -13.10 14.75
N ALA A 152 -17.85 -13.48 13.50
CA ALA A 152 -18.91 -13.64 12.53
C ALA A 152 -18.56 -14.78 11.58
N ARG A 153 -19.47 -15.33 10.79
CA ARG A 153 -19.14 -16.34 9.76
C ARG A 153 -18.85 -15.56 8.47
N ILE A 154 -17.58 -15.45 8.17
CA ILE A 154 -17.11 -14.71 7.00
C ILE A 154 -16.82 -15.70 5.88
N VAL A 155 -17.62 -15.55 4.85
CA VAL A 155 -17.55 -16.42 3.68
C VAL A 155 -17.23 -15.65 2.39
N VAL A 156 -16.50 -16.36 1.53
CA VAL A 156 -16.24 -15.98 0.14
C VAL A 156 -17.47 -16.53 -0.58
N ALA A 157 -18.55 -15.79 -0.67
CA ALA A 157 -19.82 -16.26 -1.24
C ALA A 157 -19.84 -16.52 -2.75
N LYS A 158 -19.06 -15.76 -3.47
CA LYS A 158 -18.93 -15.88 -4.90
C LYS A 158 -17.51 -15.43 -5.22
N SER A 159 -16.88 -16.12 -6.15
CA SER A 159 -15.56 -15.77 -6.63
C SER A 159 -15.53 -15.89 -8.15
N GLY A 160 -14.63 -15.16 -8.82
CA GLY A 160 -14.48 -15.36 -10.25
C GLY A 160 -13.27 -14.67 -10.81
N GLU A 161 -13.17 -14.64 -12.12
CA GLU A 161 -12.11 -13.94 -12.84
C GLU A 161 -12.66 -12.78 -13.67
N LEU A 162 -12.01 -11.63 -13.63
CA LEU A 162 -12.37 -10.55 -14.54
C LEU A 162 -11.86 -10.79 -15.97
N SER B 2 -4.96 26.61 -2.84
CA SER B 2 -3.73 27.19 -3.39
C SER B 2 -2.92 26.19 -4.21
N GLN B 3 -2.19 26.68 -5.18
CA GLN B 3 -1.30 25.89 -6.00
C GLN B 3 0.16 26.29 -5.76
N VAL B 4 0.98 25.29 -5.50
CA VAL B 4 2.37 25.58 -5.14
C VAL B 4 3.24 24.77 -6.08
N TYR B 5 4.53 25.08 -6.19
CA TYR B 5 5.34 24.32 -7.11
C TYR B 5 6.73 24.00 -6.59
N PHE B 6 7.34 22.98 -7.21
CA PHE B 6 8.73 22.60 -6.98
C PHE B 6 9.51 22.55 -8.28
N ASP B 7 10.64 23.23 -8.38
CA ASP B 7 11.60 23.07 -9.48
C ASP B 7 12.60 22.11 -8.94
N VAL B 8 12.62 20.94 -9.58
CA VAL B 8 13.49 19.81 -9.19
C VAL B 8 14.75 19.64 -10.06
N GLU B 9 15.85 19.24 -9.43
CA GLU B 9 17.12 18.94 -10.11
C GLU B 9 17.70 17.61 -9.73
N ALA B 10 18.40 16.96 -10.64
CA ALA B 10 19.09 15.70 -10.35
C ALA B 10 20.62 15.88 -10.50
N ASP B 11 21.41 15.76 -9.44
CA ASP B 11 22.86 16.03 -9.48
C ASP B 11 23.30 17.37 -10.10
N GLY B 12 22.51 18.42 -9.93
CA GLY B 12 22.90 19.70 -10.45
C GLY B 12 22.14 20.03 -11.72
N GLN B 13 21.59 19.06 -12.47
CA GLN B 13 20.78 19.38 -13.66
C GLN B 13 19.26 19.55 -13.49
N PRO B 14 18.58 20.54 -14.07
CA PRO B 14 17.13 20.73 -13.95
C PRO B 14 16.25 19.61 -14.57
N ILE B 15 15.34 18.94 -13.84
CA ILE B 15 14.46 17.90 -14.44
C ILE B 15 13.22 18.58 -15.01
N GLY B 16 12.71 19.50 -14.18
CA GLY B 16 11.47 20.20 -14.45
C GLY B 16 10.62 20.56 -13.19
N ARG B 17 9.38 20.96 -13.46
CA ARG B 17 8.48 21.46 -12.45
C ARG B 17 7.27 20.61 -12.10
N VAL B 18 7.07 20.38 -10.83
CA VAL B 18 5.88 19.70 -10.40
C VAL B 18 5.03 20.80 -9.70
N VAL B 19 3.76 20.87 -10.11
CA VAL B 19 2.80 21.79 -9.58
C VAL B 19 1.75 20.94 -8.86
N PHE B 20 1.52 21.46 -7.66
CA PHE B 20 0.59 20.84 -6.74
C PHE B 20 -0.63 21.68 -6.42
N LYS B 21 -1.74 21.00 -6.27
CA LYS B 21 -2.99 21.63 -5.83
C LYS B 21 -3.15 21.20 -4.38
N LEU B 22 -3.36 22.16 -3.51
CA LEU B 22 -3.51 21.86 -2.09
C LEU B 22 -4.96 21.93 -1.62
N TYR B 23 -5.37 21.00 -0.77
CA TYR B 23 -6.73 20.92 -0.29
C TYR B 23 -7.02 21.83 0.90
N ASN B 24 -7.02 23.14 0.68
CA ASN B 24 -7.23 24.18 1.70
C ASN B 24 -8.63 24.20 2.31
N ASP B 25 -9.63 23.85 1.52
CA ASP B 25 -10.95 23.76 2.08
C ASP B 25 -11.16 22.48 2.88
N ILE B 26 -10.31 21.45 2.87
CA ILE B 26 -10.53 20.24 3.69
C ILE B 26 -9.58 20.19 4.91
N VAL B 27 -8.33 20.50 4.65
CA VAL B 27 -7.25 20.48 5.64
C VAL B 27 -6.50 21.82 5.56
N PRO B 28 -7.12 22.95 5.93
CA PRO B 28 -6.50 24.29 5.85
C PRO B 28 -5.22 24.40 6.66
N LYS B 29 -5.13 23.89 7.90
CA LYS B 29 -3.89 24.00 8.64
C LYS B 29 -2.72 23.21 8.02
N THR B 30 -2.93 22.02 7.46
CA THR B 30 -1.90 21.20 6.87
C THR B 30 -1.48 21.75 5.52
N ALA B 31 -2.49 22.17 4.77
CA ALA B 31 -2.20 22.85 3.51
C ALA B 31 -1.44 24.17 3.73
N GLU B 32 -1.79 24.96 4.78
CA GLU B 32 -1.08 26.18 5.15
C GLU B 32 0.35 25.89 5.56
N ASN B 33 0.61 24.80 6.32
CA ASN B 33 1.98 24.46 6.64
C ASN B 33 2.85 24.24 5.41
N PHE B 34 2.39 23.41 4.48
CA PHE B 34 3.15 23.13 3.27
C PHE B 34 3.24 24.37 2.38
N ARG B 35 2.21 25.19 2.18
CA ARG B 35 2.31 26.40 1.38
C ARG B 35 3.34 27.41 1.89
N ALA B 36 3.26 27.81 3.17
CA ALA B 36 4.28 28.72 3.73
C ALA B 36 5.73 28.17 3.65
N LEU B 37 5.92 26.85 3.76
CA LEU B 37 7.21 26.21 3.62
C LEU B 37 7.68 26.16 2.17
N CYS B 38 6.73 26.15 1.22
CA CYS B 38 7.03 26.31 -0.21
C CYS B 38 7.53 27.72 -0.48
N THR B 39 6.91 28.75 0.03
CA THR B 39 7.38 30.13 -0.25
C THR B 39 8.67 30.53 0.45
N GLY B 40 8.98 29.89 1.60
CA GLY B 40 10.13 30.24 2.43
C GLY B 40 9.88 31.53 3.23
N GLU B 41 8.64 32.04 3.33
CA GLU B 41 8.31 33.34 3.98
C GLU B 41 8.48 33.46 5.51
N LYS B 42 8.49 32.32 6.21
CA LYS B 42 8.79 32.31 7.61
C LYS B 42 10.29 32.24 7.91
N GLY B 43 11.14 32.30 6.90
CA GLY B 43 12.59 32.31 7.05
C GLY B 43 13.30 30.98 6.72
N PHE B 44 12.48 29.91 6.62
CA PHE B 44 12.97 28.59 6.30
C PHE B 44 11.99 27.88 5.36
N GLY B 45 12.36 26.76 4.72
CA GLY B 45 11.42 26.11 3.82
C GLY B 45 12.06 25.01 3.03
N TYR B 46 11.38 24.57 1.97
CA TYR B 46 11.83 23.47 1.14
C TYR B 46 12.87 23.76 0.12
N ALA B 47 13.03 24.99 -0.34
CA ALA B 47 14.12 25.24 -1.30
C ALA B 47 15.49 24.73 -0.81
N GLY B 48 16.17 23.95 -1.64
CA GLY B 48 17.46 23.40 -1.27
C GLY B 48 17.36 22.03 -0.61
N SER B 49 16.18 21.45 -0.33
CA SER B 49 16.13 20.17 0.36
C SER B 49 15.96 18.91 -0.50
N PRO B 50 16.37 17.71 -0.10
CA PRO B 50 16.30 16.57 -0.97
C PRO B 50 15.05 15.64 -0.91
N PHE B 51 14.89 14.82 -1.93
CA PHE B 51 14.04 13.63 -1.81
C PHE B 51 15.06 12.61 -1.32
N HIS B 52 15.11 12.35 -0.03
CA HIS B 52 16.12 11.44 0.48
C HIS B 52 15.77 9.99 0.38
N ARG B 53 14.48 9.75 0.11
CA ARG B 53 13.94 8.39 0.00
C ARG B 53 12.95 8.26 -1.14
N VAL B 54 13.36 7.53 -2.18
CA VAL B 54 12.55 7.28 -3.39
C VAL B 54 12.39 5.75 -3.57
N ILE B 55 11.19 5.26 -3.49
CA ILE B 55 10.90 3.83 -3.62
C ILE B 55 10.03 3.57 -4.84
N PRO B 56 10.57 3.09 -5.96
CA PRO B 56 9.82 2.75 -7.18
C PRO B 56 8.58 1.92 -6.92
N ASP B 57 7.48 2.27 -7.60
CA ASP B 57 6.13 1.73 -7.35
C ASP B 57 5.51 1.85 -5.94
N PHE B 58 5.82 2.94 -5.27
CA PHE B 58 5.31 3.21 -3.94
C PHE B 58 5.29 4.75 -3.79
N MET B 59 6.41 5.37 -3.43
CA MET B 59 6.46 6.81 -3.24
C MET B 59 7.84 7.47 -3.29
N LEU B 60 7.76 8.82 -3.41
CA LEU B 60 8.87 9.77 -3.28
C LEU B 60 8.75 10.43 -1.91
N GLN B 61 9.76 10.49 -1.06
CA GLN B 61 9.59 11.20 0.20
C GLN B 61 10.63 12.32 0.30
N GLY B 62 10.19 13.48 0.76
CA GLY B 62 11.12 14.59 0.95
C GLY B 62 10.69 15.52 2.08
N GLY B 63 11.16 16.76 2.06
CA GLY B 63 10.77 17.75 3.03
C GLY B 63 11.67 17.84 4.26
N ASP B 64 12.73 17.06 4.43
CA ASP B 64 13.56 17.23 5.63
C ASP B 64 14.62 18.27 5.25
N PHE B 65 14.28 19.53 5.51
CA PHE B 65 15.17 20.62 5.10
C PHE B 65 16.19 20.99 6.19
N THR B 66 16.25 20.27 7.29
CA THR B 66 17.22 20.62 8.33
C THR B 66 18.42 19.71 8.37
N ALA B 67 18.18 18.40 8.22
CA ALA B 67 19.21 17.36 8.19
C ALA B 67 19.26 16.53 6.87
N GLY B 68 18.27 16.61 5.99
CA GLY B 68 18.29 15.93 4.71
C GLY B 68 18.31 14.40 4.76
N ASN B 69 18.01 13.71 5.87
CA ASN B 69 18.06 12.22 5.92
C ASN B 69 16.83 11.51 6.53
N GLY B 70 15.76 12.26 6.72
CA GLY B 70 14.55 11.73 7.33
C GLY B 70 14.40 11.93 8.83
N THR B 71 15.37 12.57 9.49
CA THR B 71 15.26 12.72 10.95
C THR B 71 14.84 14.15 11.30
N GLY B 72 14.94 15.12 10.39
CA GLY B 72 14.60 16.47 10.73
C GLY B 72 13.36 17.09 10.06
N GLY B 73 13.48 18.39 9.80
CA GLY B 73 12.42 19.23 9.29
C GLY B 73 11.60 19.83 10.42
N LYS B 74 10.77 20.81 10.14
CA LYS B 74 9.87 21.36 11.15
C LYS B 74 8.71 22.09 10.50
N SER B 75 7.57 22.12 11.19
CA SER B 75 6.37 22.80 10.72
C SER B 75 6.37 24.32 10.92
N ILE B 76 5.40 25.12 10.53
CA ILE B 76 5.38 26.54 10.84
C ILE B 76 4.70 26.85 12.19
N TYR B 77 4.33 25.79 12.91
CA TYR B 77 3.57 25.87 14.16
C TYR B 77 4.42 25.72 15.43
N GLY B 78 5.75 25.79 15.36
CA GLY B 78 6.56 25.73 16.59
C GLY B 78 6.77 24.37 17.20
N GLY B 79 6.38 23.33 16.50
CA GLY B 79 6.57 21.98 17.00
C GLY B 79 5.88 21.03 16.04
N LYS B 80 6.01 19.72 16.21
CA LYS B 80 5.20 18.77 15.46
C LYS B 80 3.70 19.03 15.74
N PHE B 81 2.83 18.99 14.74
CA PHE B 81 1.46 19.30 14.99
C PHE B 81 0.45 18.17 14.79
N PRO B 82 -0.75 18.29 15.37
CA PRO B 82 -1.71 17.19 15.31
C PRO B 82 -2.28 16.84 13.94
N ASP B 83 -2.69 15.57 13.81
CA ASP B 83 -3.39 15.17 12.61
C ASP B 83 -4.68 15.97 12.53
N GLU B 84 -4.92 16.74 11.46
CA GLU B 84 -6.11 17.55 11.31
C GLU B 84 -7.40 16.73 11.06
N ASN B 85 -7.37 15.90 10.01
CA ASN B 85 -8.44 14.96 9.68
C ASN B 85 -7.95 13.95 8.63
N PHE B 86 -8.74 12.92 8.36
CA PHE B 86 -8.41 11.91 7.39
C PHE B 86 -9.50 11.83 6.33
N LYS B 87 -10.11 12.95 5.98
CA LYS B 87 -11.18 12.93 4.97
C LYS B 87 -10.81 12.36 3.59
N LYS B 88 -9.63 12.75 3.13
CA LYS B 88 -9.11 12.19 1.87
C LYS B 88 -8.34 10.85 2.03
N HIS B 89 -8.53 9.96 1.06
CA HIS B 89 -7.90 8.66 1.09
C HIS B 89 -6.77 8.60 0.06
N HIS B 90 -5.84 7.64 0.19
CA HIS B 90 -4.76 7.38 -0.75
C HIS B 90 -5.26 6.43 -1.85
N ASP B 91 -6.28 6.86 -2.59
CA ASP B 91 -6.86 5.96 -3.57
C ASP B 91 -6.42 6.13 -5.02
N ARG B 92 -5.48 7.05 -5.25
CA ARG B 92 -4.89 7.20 -6.56
C ARG B 92 -3.43 7.65 -6.47
N PRO B 93 -2.59 7.41 -7.50
CA PRO B 93 -1.28 8.02 -7.66
C PRO B 93 -1.30 9.52 -7.76
N GLY B 94 -0.17 10.11 -7.40
CA GLY B 94 -0.04 11.54 -7.57
C GLY B 94 -0.56 12.35 -6.41
N LEU B 95 -0.62 11.80 -5.22
CA LEU B 95 -1.11 12.59 -4.13
C LEU B 95 -0.01 12.89 -3.12
N LEU B 96 -0.20 14.05 -2.48
CA LEU B 96 0.57 14.56 -1.33
C LEU B 96 -0.10 14.20 -0.01
N SER B 97 0.75 13.59 0.76
CA SER B 97 0.34 13.12 2.04
C SER B 97 1.43 13.40 3.04
N MET B 98 1.06 13.67 4.28
CA MET B 98 2.09 13.91 5.26
C MET B 98 2.82 12.69 5.82
N ALA B 99 4.17 12.69 5.77
CA ALA B 99 5.00 11.70 6.49
C ALA B 99 4.91 11.96 8.01
N ASN B 100 5.11 10.99 8.89
CA ASN B 100 4.98 11.24 10.33
C ASN B 100 5.59 10.07 11.10
N ALA B 101 5.60 10.11 12.41
CA ALA B 101 6.23 9.06 13.17
C ALA B 101 5.25 8.41 14.09
N GLY B 102 4.05 8.25 13.55
CA GLY B 102 2.89 7.78 14.29
C GLY B 102 1.92 8.90 14.59
N PRO B 103 0.83 8.70 15.36
CA PRO B 103 -0.17 9.75 15.63
C PRO B 103 0.28 11.16 16.03
N ASN B 104 -0.21 12.19 15.36
CA ASN B 104 0.02 13.59 15.69
C ASN B 104 1.46 14.09 15.69
N THR B 105 2.29 13.64 14.77
CA THR B 105 3.70 14.05 14.72
C THR B 105 3.97 14.70 13.37
N ASN B 106 3.13 15.55 12.86
CA ASN B 106 3.36 16.16 11.55
C ASN B 106 4.42 17.26 11.59
N GLY B 107 5.38 17.17 10.70
CA GLY B 107 6.39 18.16 10.58
C GLY B 107 6.31 18.92 9.24
N SER B 108 7.39 18.70 8.46
CA SER B 108 7.61 19.29 7.13
C SER B 108 7.80 18.18 6.11
N GLN B 109 8.16 17.02 6.56
CA GLN B 109 8.28 15.89 5.65
C GLN B 109 6.97 15.41 4.97
N PHE B 110 7.02 15.07 3.71
CA PHE B 110 5.84 14.70 2.96
C PHE B 110 6.22 13.55 2.04
N PHE B 111 5.24 12.85 1.48
CA PHE B 111 5.51 12.04 0.33
C PHE B 111 4.51 12.19 -0.80
N ILE B 112 4.95 11.79 -2.00
CA ILE B 112 4.16 11.78 -3.27
C ILE B 112 3.97 10.32 -3.66
N THR B 113 2.73 9.88 -3.63
CA THR B 113 2.40 8.51 -4.04
C THR B 113 2.52 8.25 -5.51
N THR B 114 2.97 7.06 -5.88
CA THR B 114 2.99 6.68 -7.30
C THR B 114 2.05 5.50 -7.62
N VAL B 115 1.28 5.06 -6.60
CA VAL B 115 0.30 3.97 -6.69
C VAL B 115 -0.79 4.22 -5.64
N PRO B 116 -2.02 3.67 -5.71
CA PRO B 116 -2.96 3.68 -4.59
C PRO B 116 -2.33 3.01 -3.35
N CYS B 117 -2.49 3.61 -2.16
CA CYS B 117 -1.94 3.00 -0.95
C CYS B 117 -3.02 3.04 0.11
N PRO B 118 -4.15 2.31 -0.01
CA PRO B 118 -5.27 2.48 0.93
C PRO B 118 -4.93 1.98 2.34
N TRP B 119 -3.79 1.28 2.52
CA TRP B 119 -3.31 0.89 3.85
C TRP B 119 -2.73 2.02 4.68
N LEU B 120 -2.53 3.16 4.03
CA LEU B 120 -2.15 4.35 4.74
C LEU B 120 -3.33 5.25 5.15
N ASP B 121 -4.54 4.90 4.72
CA ASP B 121 -5.74 5.64 5.09
C ASP B 121 -6.00 5.64 6.54
N GLY B 122 -6.21 6.85 7.06
CA GLY B 122 -6.34 7.06 8.50
C GLY B 122 -5.02 7.13 9.26
N LYS B 123 -3.85 7.06 8.65
CA LYS B 123 -2.57 7.09 9.35
C LYS B 123 -1.75 8.29 8.87
N HIS B 124 -2.05 8.71 7.65
CA HIS B 124 -1.35 9.83 7.03
C HIS B 124 -2.38 10.74 6.38
N VAL B 125 -2.28 12.02 6.75
CA VAL B 125 -3.14 13.10 6.28
C VAL B 125 -2.86 13.46 4.82
N VAL B 126 -3.79 13.14 3.97
CA VAL B 126 -3.77 13.56 2.58
C VAL B 126 -4.09 15.04 2.38
N PHE B 127 -3.27 15.87 1.71
CA PHE B 127 -3.51 17.31 1.67
C PHE B 127 -3.36 18.00 0.32
N GLY B 128 -3.01 17.23 -0.69
CA GLY B 128 -2.87 17.79 -2.03
C GLY B 128 -2.69 16.74 -3.12
N GLU B 129 -2.67 17.16 -4.35
CA GLU B 129 -2.39 16.27 -5.50
C GLU B 129 -1.49 16.91 -6.58
N VAL B 130 -0.77 16.12 -7.36
CA VAL B 130 -0.04 16.61 -8.54
C VAL B 130 -1.09 16.93 -9.62
N VAL B 131 -1.02 18.20 -10.05
CA VAL B 131 -1.89 18.70 -11.10
C VAL B 131 -1.09 18.91 -12.42
N ASP B 132 0.24 19.08 -12.36
CA ASP B 132 0.99 19.14 -13.56
C ASP B 132 2.42 18.73 -13.26
N GLY B 133 3.08 18.10 -14.25
CA GLY B 133 4.41 17.60 -13.99
C GLY B 133 4.47 16.17 -13.45
N TYR B 134 3.47 15.29 -13.68
CA TYR B 134 3.54 13.93 -13.15
C TYR B 134 4.61 13.13 -13.89
N ASP B 135 4.92 13.48 -15.14
CA ASP B 135 6.08 12.85 -15.80
C ASP B 135 7.44 13.17 -15.13
N ILE B 136 7.54 14.34 -14.44
CA ILE B 136 8.73 14.64 -13.62
C ILE B 136 8.69 13.74 -12.36
N VAL B 137 7.52 13.48 -11.74
CA VAL B 137 7.49 12.57 -10.62
C VAL B 137 8.02 11.19 -11.09
N LYS B 138 7.72 10.82 -12.36
CA LYS B 138 8.21 9.58 -12.93
C LYS B 138 9.71 9.53 -13.15
N LYS B 139 10.31 10.61 -13.66
CA LYS B 139 11.79 10.69 -13.80
C LYS B 139 12.45 10.50 -12.44
N VAL B 140 11.95 11.23 -11.42
CA VAL B 140 12.49 11.09 -10.07
C VAL B 140 12.33 9.64 -9.61
N GLU B 141 11.12 9.09 -9.81
CA GLU B 141 10.84 7.72 -9.40
C GLU B 141 11.81 6.65 -9.89
N SER B 142 12.29 6.86 -11.12
CA SER B 142 13.20 5.88 -11.72
C SER B 142 14.61 5.99 -11.24
N LEU B 143 14.94 7.00 -10.45
CA LEU B 143 16.29 7.13 -9.92
C LEU B 143 16.38 6.60 -8.47
N GLY B 144 15.32 5.96 -7.97
CA GLY B 144 15.37 5.38 -6.65
C GLY B 144 15.67 3.89 -6.74
N SER B 145 15.37 3.14 -5.69
CA SER B 145 15.71 1.72 -5.58
C SER B 145 14.84 1.06 -4.51
N PRO B 146 14.79 -0.27 -4.28
CA PRO B 146 14.00 -0.88 -3.21
C PRO B 146 14.20 -0.37 -1.78
N SER B 147 15.38 0.05 -1.39
CA SER B 147 15.70 0.57 -0.05
C SER B 147 15.40 2.06 0.20
N GLY B 148 14.94 2.75 -0.84
CA GLY B 148 14.77 4.20 -0.76
C GLY B 148 15.98 5.00 -1.25
N ALA B 149 17.18 4.38 -1.31
CA ALA B 149 18.38 5.06 -1.84
C ALA B 149 18.29 5.56 -3.27
N THR B 150 18.83 6.75 -3.48
CA THR B 150 18.79 7.31 -4.84
C THR B 150 20.10 7.38 -5.65
N LYS B 151 20.01 7.22 -6.95
CA LYS B 151 21.18 7.23 -7.84
C LYS B 151 21.75 8.63 -8.07
N ALA B 152 20.90 9.64 -7.95
CA ALA B 152 21.29 11.04 -8.15
C ALA B 152 21.03 11.85 -6.89
N ARG B 153 21.66 12.98 -6.56
CA ARG B 153 21.13 13.78 -5.45
C ARG B 153 19.98 14.59 -6.08
N ILE B 154 18.74 14.21 -5.73
CA ILE B 154 17.56 14.90 -6.24
C ILE B 154 17.20 15.90 -5.15
N VAL B 155 17.03 17.12 -5.62
CA VAL B 155 16.77 18.30 -4.79
C VAL B 155 15.64 19.21 -5.33
N VAL B 156 14.86 19.76 -4.41
CA VAL B 156 13.85 20.79 -4.68
C VAL B 156 14.66 22.09 -4.68
N ALA B 157 15.11 22.51 -5.86
CA ALA B 157 15.99 23.67 -5.99
C ALA B 157 15.36 25.06 -5.79
N LYS B 158 14.06 25.13 -6.07
CA LYS B 158 13.26 26.30 -5.90
C LYS B 158 11.80 25.84 -5.67
N SER B 159 11.18 26.38 -4.64
CA SER B 159 9.78 26.14 -4.45
C SER B 159 9.02 27.44 -4.44
N GLY B 160 7.71 27.44 -4.61
CA GLY B 160 6.97 28.67 -4.47
C GLY B 160 5.45 28.48 -4.54
N GLU B 161 4.73 29.56 -4.58
CA GLU B 161 3.30 29.58 -4.76
C GLU B 161 2.99 30.39 -6.02
N LEU B 162 2.09 29.80 -6.81
CA LEU B 162 1.51 30.49 -7.97
C LEU B 162 0.34 31.39 -7.61
#